data_8R5V
#
_entry.id   8R5V
#
_cell.length_a   100.315
_cell.length_b   32.709
_cell.length_c   72.802
_cell.angle_alpha   90.000
_cell.angle_beta   90.069
_cell.angle_gamma   90.000
#
_symmetry.space_group_name_H-M   'C 1 2 1'
#
loop_
_entity.id
_entity.type
_entity.pdbx_description
1 polymer 'Ribonuclease pancreatic'
2 non-polymer 1-[(2~{R},4~{S},5~{R})-5-[[[(2~{R},6~{S})-2-[2,4-bis(oxidanylidene)pyrimidin-1-yl]-6-(hydroxymethyl)morpholin-4-yl]-oxidanyl-phosphinothioyl]oxymethyl]-4-oxidanyl-oxolan-2-yl]-5-methyl-pyrimidine-2,4-dione
3 non-polymer 'DICHLORO-ACETIC ACID'
4 water water
#
_entity_poly.entity_id   1
_entity_poly.type   'polypeptide(L)'
_entity_poly.pdbx_seq_one_letter_code
;MALKSLVLLSLLVLVLLLVRVQPSLGKETAAAKFERQHMDSSTSAASSSNYCNQMMKSRNLTKDRCKPVNTFVHESLADV
QAVCSQKNVACKNGQTNCYQSYSTMSITDCRETGSSKYPNCAYKTTQANKHIIVACEGNPYVPVHFDASV
;
_entity_poly.pdbx_strand_id   A,B
#
loop_
_chem_comp.id
_chem_comp.type
_chem_comp.name
_chem_comp.formula
TF4 non-polymer 'DICHLORO-ACETIC ACID' 'C2 H2 Cl2 O2'
Y4I non-polymer 1-[(2~{R},4~{S},5~{R})-5-[[[(2~{R},6~{S})-2-[2,4-bis(oxidanylidene)pyrimidin-1-yl]-6-(hydroxymethyl)morpholin-4-yl]-oxidanyl-phosphinothioyl]oxymethyl]-4-oxidanyl-oxolan-2-yl]-5-methyl-pyrimidine-2,4-dione 'C19 H26 N5 O10 P S'
#
# COMPACT_ATOMS: atom_id res chain seq x y z
N LYS A 27 -15.52 16.19 15.51
CA LYS A 27 -16.00 14.95 16.19
C LYS A 27 -15.64 13.71 15.35
N GLU A 28 -16.12 13.70 14.10
CA GLU A 28 -15.79 12.68 13.11
C GLU A 28 -14.44 13.05 12.48
N THR A 29 -13.44 12.19 12.71
CA THR A 29 -12.11 12.40 12.16
C THR A 29 -12.15 12.18 10.64
N ALA A 30 -11.12 12.68 9.95
CA ALA A 30 -10.95 12.44 8.53
C ALA A 30 -10.87 10.94 8.27
N ALA A 31 -10.17 10.26 9.16
CA ALA A 31 -9.99 8.82 9.01
C ALA A 31 -11.35 8.15 9.13
N ALA A 32 -12.15 8.56 10.13
CA ALA A 32 -13.44 7.91 10.33
C ALA A 32 -14.37 8.18 9.14
N LYS A 33 -14.28 9.37 8.57
CA LYS A 33 -15.14 9.77 7.46
C LYS A 33 -14.79 8.90 6.27
N PHE A 34 -13.49 8.70 6.02
CA PHE A 34 -13.04 7.81 4.97
C PHE A 34 -13.66 6.43 5.18
N GLU A 35 -13.61 5.92 6.42
CA GLU A 35 -14.18 4.60 6.69
C GLU A 35 -15.67 4.56 6.35
N ARG A 36 -16.39 5.61 6.75
CA ARG A 36 -17.83 5.69 6.56
C ARG A 36 -18.17 5.77 5.08
N GLN A 37 -17.42 6.58 4.34
CA GLN A 37 -17.71 6.77 2.93
C GLN A 37 -17.27 5.61 2.05
N HIS A 38 -16.25 4.85 2.45
CA HIS A 38 -15.52 4.03 1.49
C HIS A 38 -15.26 2.59 1.93
N MET A 39 -15.40 2.23 3.20
CA MET A 39 -15.10 0.87 3.62
C MET A 39 -16.39 0.04 3.66
N ASP A 40 -16.39 -1.12 3.01
CA ASP A 40 -17.42 -2.10 3.26
C ASP A 40 -16.80 -3.48 3.22
N SER A 41 -16.09 -3.81 4.31
CA SER A 41 -15.41 -5.07 4.44
C SER A 41 -16.39 -6.23 4.53
N SER A 42 -17.64 -5.95 4.90
CA SER A 42 -18.56 -7.02 5.28
C SER A 42 -19.04 -7.86 4.10
N THR A 43 -18.94 -7.36 2.86
CA THR A 43 -19.27 -8.20 1.72
C THR A 43 -18.08 -8.23 0.76
N SER A 44 -17.83 -9.40 0.16
CA SER A 44 -16.66 -9.60 -0.67
C SER A 44 -16.82 -8.91 -2.03
N ALA A 45 -18.06 -8.60 -2.44
CA ALA A 45 -18.33 -7.87 -3.67
C ALA A 45 -19.57 -6.96 -3.52
N SER A 48 -25.99 -7.52 -4.83
CA SER A 48 -27.32 -6.89 -5.05
C SER A 48 -27.19 -5.78 -6.10
N SER A 49 -28.10 -5.78 -7.06
CA SER A 49 -28.31 -4.62 -7.89
C SER A 49 -28.71 -3.39 -7.08
N ASN A 50 -29.27 -3.54 -5.87
N ASN A 50 -29.24 -3.63 -5.85
CA ASN A 50 -29.69 -2.37 -5.11
CA ASN A 50 -29.75 -2.58 -4.97
C ASN A 50 -28.69 -2.06 -3.98
C ASN A 50 -28.67 -1.96 -4.10
N TYR A 51 -27.45 -2.54 -4.14
CA TYR A 51 -26.38 -2.28 -3.18
C TYR A 51 -26.18 -0.79 -2.94
N CYS A 52 -25.90 -0.06 -4.03
CA CYS A 52 -25.61 1.37 -3.98
C CYS A 52 -26.77 2.18 -3.41
N ASN A 53 -28.01 1.82 -3.79
CA ASN A 53 -29.18 2.55 -3.33
C ASN A 53 -29.21 2.55 -1.81
N GLN A 54 -28.99 1.37 -1.24
CA GLN A 54 -29.02 1.12 0.18
C GLN A 54 -27.82 1.74 0.88
N MET A 55 -26.63 1.52 0.33
CA MET A 55 -25.40 1.90 1.01
C MET A 55 -25.18 3.43 0.97
N MET A 56 -25.42 4.06 -0.18
CA MET A 56 -25.32 5.50 -0.26
C MET A 56 -26.23 6.14 0.80
N LYS A 57 -27.42 5.58 1.01
CA LYS A 57 -28.35 6.10 2.01
C LYS A 57 -27.84 5.87 3.42
N SER A 58 -27.48 4.60 3.73
CA SER A 58 -27.13 4.20 5.07
C SER A 58 -25.84 4.86 5.56
N ARG A 59 -24.94 5.24 4.63
CA ARG A 59 -23.69 5.87 5.04
C ARG A 59 -23.80 7.40 4.95
N ASN A 60 -25.04 7.89 4.78
N ASN A 60 -25.03 7.90 4.76
CA ASN A 60 -25.35 9.29 4.92
CA ASN A 60 -25.33 9.30 4.92
C ASN A 60 -24.73 10.08 3.78
C ASN A 60 -24.79 10.12 3.76
N LEU A 61 -24.69 9.50 2.57
CA LEU A 61 -24.14 10.17 1.41
C LEU A 61 -25.25 10.77 0.55
N THR A 62 -26.51 10.66 1.01
CA THR A 62 -27.64 11.22 0.27
C THR A 62 -28.41 12.21 1.12
N LYS A 63 -27.80 12.68 2.21
CA LYS A 63 -28.53 13.44 3.22
C LYS A 63 -28.77 14.87 2.74
N ASP A 64 -27.72 15.57 2.31
CA ASP A 64 -27.83 16.96 1.90
C ASP A 64 -27.99 17.07 0.40
N ARG A 65 -27.57 16.03 -0.33
CA ARG A 65 -27.75 15.95 -1.77
C ARG A 65 -27.46 14.50 -2.18
N CYS A 66 -27.66 14.21 -3.47
CA CYS A 66 -27.22 12.96 -4.02
C CYS A 66 -25.73 13.07 -4.35
N LYS A 67 -24.87 12.49 -3.49
CA LYS A 67 -23.47 12.41 -3.86
C LYS A 67 -23.38 11.70 -5.19
N PRO A 68 -22.80 12.31 -6.25
CA PRO A 68 -22.78 11.72 -7.60
C PRO A 68 -21.96 10.46 -7.89
N VAL A 69 -20.75 10.34 -7.33
N VAL A 69 -20.78 10.34 -7.28
CA VAL A 69 -19.96 9.12 -7.49
CA VAL A 69 -19.87 9.20 -7.49
C VAL A 69 -19.30 8.80 -6.15
C VAL A 69 -19.28 8.80 -6.14
N ASN A 70 -19.27 7.51 -5.82
CA ASN A 70 -18.67 7.05 -4.58
C ASN A 70 -18.24 5.59 -4.71
N THR A 71 -17.08 5.27 -4.13
CA THR A 71 -16.54 3.91 -4.22
C THR A 71 -16.51 3.28 -2.83
N PHE A 72 -16.96 2.01 -2.75
CA PHE A 72 -16.82 1.18 -1.58
C PHE A 72 -15.79 0.07 -1.87
N VAL A 73 -14.93 -0.17 -0.88
CA VAL A 73 -13.84 -1.12 -0.97
C VAL A 73 -14.12 -2.34 -0.07
N HIS A 74 -14.13 -3.51 -0.69
CA HIS A 74 -14.41 -4.75 0.04
C HIS A 74 -13.10 -5.47 0.37
N GLU A 75 -12.34 -4.87 1.27
CA GLU A 75 -11.14 -5.49 1.81
C GLU A 75 -11.13 -5.14 3.29
N SER A 76 -10.20 -5.72 4.04
CA SER A 76 -10.04 -5.37 5.43
C SER A 76 -9.55 -3.94 5.56
N LEU A 77 -9.83 -3.34 6.71
CA LEU A 77 -9.32 -2.02 7.02
C LEU A 77 -7.79 -2.01 6.98
N ALA A 78 -7.16 -3.04 7.55
CA ALA A 78 -5.71 -3.10 7.60
C ALA A 78 -5.17 -3.10 6.17
N ASP A 79 -5.84 -3.80 5.25
CA ASP A 79 -5.38 -3.90 3.88
C ASP A 79 -5.47 -2.54 3.19
N VAL A 80 -6.57 -1.81 3.42
CA VAL A 80 -6.72 -0.49 2.84
C VAL A 80 -5.77 0.52 3.51
N GLN A 81 -5.61 0.45 4.83
CA GLN A 81 -4.69 1.35 5.52
C GLN A 81 -3.25 1.14 5.03
N ALA A 82 -2.91 -0.09 4.67
CA ALA A 82 -1.57 -0.45 4.22
C ALA A 82 -1.20 0.28 2.93
N VAL A 83 -2.21 0.69 2.14
CA VAL A 83 -1.97 1.33 0.85
C VAL A 83 -1.18 2.62 1.04
N CYS A 84 -1.24 3.21 2.24
CA CYS A 84 -0.53 4.46 2.52
C CYS A 84 0.99 4.25 2.53
N SER A 85 1.45 2.99 2.48
N SER A 85 1.47 2.99 2.49
CA SER A 85 2.86 2.68 2.39
CA SER A 85 2.90 2.70 2.38
C SER A 85 3.20 1.98 1.08
C SER A 85 3.24 2.05 1.04
N GLN A 86 2.30 2.07 0.09
CA GLN A 86 2.46 1.41 -1.21
C GLN A 86 2.93 2.43 -2.24
N LYS A 87 2.40 2.38 -3.46
CA LYS A 87 3.02 3.09 -4.57
C LYS A 87 2.63 4.57 -4.54
N ASN A 88 3.60 5.44 -4.25
CA ASN A 88 3.33 6.87 -4.18
C ASN A 88 3.10 7.40 -5.59
N VAL A 89 1.95 8.06 -5.80
CA VAL A 89 1.55 8.60 -7.09
C VAL A 89 1.01 10.02 -6.89
N ALA A 90 1.00 10.81 -7.96
CA ALA A 90 0.39 12.14 -7.86
C ALA A 90 -1.11 12.02 -7.67
N CYS A 91 -1.65 12.87 -6.78
CA CYS A 91 -3.08 13.02 -6.62
C CYS A 91 -3.61 13.82 -7.79
N LYS A 92 -4.89 13.64 -8.08
CA LYS A 92 -5.55 14.37 -9.13
C LYS A 92 -5.51 15.88 -8.89
N ASN A 93 -5.45 16.31 -7.62
CA ASN A 93 -5.41 17.73 -7.27
C ASN A 93 -3.99 18.32 -7.30
N GLY A 94 -2.99 17.51 -7.66
CA GLY A 94 -1.63 17.96 -7.77
C GLY A 94 -0.81 17.75 -6.51
N GLN A 95 -1.44 17.42 -5.36
CA GLN A 95 -0.71 17.06 -4.16
C GLN A 95 0.02 15.74 -4.40
N THR A 96 0.99 15.41 -3.55
CA THR A 96 1.88 14.26 -3.76
C THR A 96 1.58 13.15 -2.76
N ASN A 97 0.52 13.27 -1.96
CA ASN A 97 0.27 12.34 -0.88
C ASN A 97 -0.75 11.27 -1.28
N CYS A 98 -0.67 10.73 -2.49
CA CYS A 98 -1.58 9.68 -2.92
C CYS A 98 -0.79 8.39 -3.15
N TYR A 99 -1.51 7.28 -3.01
CA TYR A 99 -0.89 5.97 -2.98
C TYR A 99 -1.78 4.99 -3.72
N GLN A 100 -1.16 4.21 -4.61
CA GLN A 100 -1.85 3.20 -5.39
C GLN A 100 -1.55 1.80 -4.87
N SER A 101 -2.62 0.98 -4.70
CA SER A 101 -2.49 -0.36 -4.16
C SER A 101 -1.67 -1.22 -5.12
N TYR A 102 -0.72 -2.01 -4.61
CA TYR A 102 0.02 -2.91 -5.48
C TYR A 102 -0.85 -4.04 -6.01
N SER A 103 -1.78 -4.54 -5.18
N SER A 103 -1.80 -4.50 -5.19
CA SER A 103 -2.73 -5.56 -5.58
CA SER A 103 -2.74 -5.52 -5.61
C SER A 103 -4.04 -4.90 -6.02
C SER A 103 -4.04 -4.86 -6.07
N THR A 104 -4.79 -5.57 -6.92
CA THR A 104 -6.17 -5.19 -7.21
C THR A 104 -7.01 -5.50 -5.97
N MET A 105 -8.06 -4.69 -5.78
CA MET A 105 -8.99 -4.89 -4.68
C MET A 105 -10.38 -4.98 -5.25
N SER A 106 -11.24 -5.69 -4.50
CA SER A 106 -12.66 -5.75 -4.81
C SER A 106 -13.31 -4.42 -4.39
N ILE A 107 -13.96 -3.75 -5.37
CA ILE A 107 -14.59 -2.46 -5.16
C ILE A 107 -15.99 -2.46 -5.79
N THR A 108 -16.83 -1.56 -5.28
CA THR A 108 -18.09 -1.27 -5.94
C THR A 108 -18.16 0.23 -6.22
N ASP A 109 -18.32 0.58 -7.48
CA ASP A 109 -18.58 1.98 -7.83
C ASP A 109 -20.08 2.24 -7.82
N CYS A 110 -20.46 3.35 -7.19
CA CYS A 110 -21.84 3.81 -7.19
C CYS A 110 -21.91 5.13 -7.94
N ARG A 111 -22.74 5.16 -8.99
CA ARG A 111 -22.88 6.35 -9.81
C ARG A 111 -24.35 6.72 -9.95
N GLU A 112 -24.64 8.01 -9.71
CA GLU A 112 -26.00 8.48 -9.68
C GLU A 112 -26.56 8.37 -11.10
N THR A 113 -27.82 7.93 -11.22
CA THR A 113 -28.50 7.81 -12.51
C THR A 113 -28.96 9.18 -13.02
N GLY A 114 -29.37 9.22 -14.28
CA GLY A 114 -29.87 10.44 -14.89
C GLY A 114 -31.26 10.82 -14.37
N SER A 115 -32.04 9.80 -13.97
CA SER A 115 -33.42 9.98 -13.54
C SER A 115 -33.50 10.21 -12.03
N SER A 116 -32.34 10.20 -11.36
CA SER A 116 -32.24 10.38 -9.91
C SER A 116 -32.58 11.82 -9.55
N LYS A 117 -33.53 11.99 -8.63
CA LYS A 117 -33.88 13.32 -8.13
C LYS A 117 -33.97 13.28 -6.62
N TYR A 118 -33.09 14.06 -5.99
CA TYR A 118 -33.07 14.17 -4.54
C TYR A 118 -34.48 14.48 -4.07
N PRO A 119 -35.03 13.83 -3.01
CA PRO A 119 -34.28 12.94 -2.13
C PRO A 119 -34.31 11.44 -2.41
N ASN A 120 -34.89 11.05 -3.55
CA ASN A 120 -34.85 9.65 -3.97
C ASN A 120 -33.63 9.49 -4.88
N CYS A 121 -32.47 9.46 -4.24
CA CYS A 121 -31.21 9.24 -4.92
C CYS A 121 -31.15 7.79 -5.40
N ALA A 122 -30.89 7.60 -6.70
CA ALA A 122 -30.78 6.28 -7.28
C ALA A 122 -29.41 6.13 -7.94
N TYR A 123 -28.86 4.92 -7.90
CA TYR A 123 -27.49 4.64 -8.30
C TYR A 123 -27.38 3.34 -9.11
N LYS A 124 -26.41 3.30 -10.01
CA LYS A 124 -25.95 2.06 -10.62
C LYS A 124 -24.82 1.47 -9.78
N THR A 125 -24.94 0.18 -9.44
CA THR A 125 -23.93 -0.59 -8.74
C THR A 125 -23.03 -1.26 -9.78
N THR A 126 -21.74 -0.91 -9.82
CA THR A 126 -20.78 -1.64 -10.65
C THR A 126 -19.66 -2.21 -9.78
N GLN A 127 -19.50 -3.52 -9.86
CA GLN A 127 -18.46 -4.22 -9.15
C GLN A 127 -17.25 -4.35 -10.07
N ALA A 128 -16.06 -4.24 -9.49
CA ALA A 128 -14.82 -4.33 -10.25
C ALA A 128 -13.71 -4.85 -9.35
N ASN A 129 -12.63 -5.30 -10.00
N ASN A 129 -12.58 -5.24 -9.97
CA ASN A 129 -11.39 -5.58 -9.31
CA ASN A 129 -11.37 -5.62 -9.24
C ASN A 129 -10.36 -4.65 -9.93
C ASN A 129 -10.22 -4.79 -9.81
N LYS A 130 -9.91 -3.69 -9.11
CA LYS A 130 -9.05 -2.64 -9.61
C LYS A 130 -8.07 -2.24 -8.52
N HIS A 131 -7.02 -1.54 -8.95
CA HIS A 131 -6.11 -0.95 -7.98
C HIS A 131 -6.80 0.31 -7.45
N ILE A 132 -6.61 0.65 -6.18
CA ILE A 132 -7.25 1.88 -5.71
C ILE A 132 -6.16 2.93 -5.47
N ILE A 133 -6.54 4.22 -5.55
CA ILE A 133 -5.66 5.33 -5.20
C ILE A 133 -6.33 6.18 -4.10
N VAL A 134 -5.63 6.35 -2.97
CA VAL A 134 -6.10 7.05 -1.79
C VAL A 134 -5.08 8.14 -1.40
N ALA A 135 -5.59 9.23 -0.84
CA ALA A 135 -4.76 10.25 -0.21
C ALA A 135 -4.66 9.91 1.26
N CYS A 136 -3.44 10.03 1.81
CA CYS A 136 -3.23 9.75 3.21
C CYS A 136 -2.66 10.99 3.92
N GLU A 137 -2.94 11.08 5.22
CA GLU A 137 -2.55 12.22 6.03
C GLU A 137 -2.47 11.71 7.47
N GLY A 138 -1.77 12.46 8.31
CA GLY A 138 -1.90 12.29 9.75
C GLY A 138 -0.81 11.44 10.37
N ASN A 139 -0.87 11.41 11.71
CA ASN A 139 -0.09 10.47 12.49
C ASN A 139 -1.05 9.75 13.44
N PRO A 140 -1.48 8.50 13.17
CA PRO A 140 -0.92 7.63 12.16
C PRO A 140 -1.33 8.07 10.75
N TYR A 141 -0.54 7.64 9.79
CA TYR A 141 -0.70 8.01 8.37
C TYR A 141 -1.73 7.08 7.74
N VAL A 142 -2.90 7.62 7.46
CA VAL A 142 -4.09 6.83 7.15
C VAL A 142 -4.87 7.45 5.99
N PRO A 143 -5.69 6.65 5.30
CA PRO A 143 -6.46 7.16 4.18
C PRO A 143 -7.53 8.16 4.62
N VAL A 144 -7.62 9.28 3.90
CA VAL A 144 -8.60 10.33 4.18
C VAL A 144 -9.40 10.68 2.93
N HIS A 145 -9.02 10.16 1.75
CA HIS A 145 -9.72 10.50 0.53
C HIS A 145 -9.50 9.40 -0.50
N PHE A 146 -10.56 9.10 -1.24
CA PHE A 146 -10.49 8.12 -2.29
C PHE A 146 -10.35 8.87 -3.60
N ASP A 147 -9.22 8.75 -4.30
CA ASP A 147 -8.96 9.57 -5.48
C ASP A 147 -9.41 8.90 -6.77
N ALA A 148 -9.17 7.59 -6.91
CA ALA A 148 -9.43 6.94 -8.19
C ALA A 148 -9.27 5.43 -8.06
N SER A 149 -9.77 4.73 -9.07
CA SER A 149 -9.44 3.33 -9.26
C SER A 149 -8.82 3.19 -10.65
N VAL A 150 -7.88 2.26 -10.79
CA VAL A 150 -7.19 2.08 -12.05
C VAL A 150 -7.03 0.59 -12.40
N LYS B 27 8.09 -0.60 -17.92
CA LYS B 27 8.07 -1.55 -16.79
C LYS B 27 8.27 -0.75 -15.51
N GLU B 28 8.13 -1.41 -14.35
CA GLU B 28 8.44 -0.79 -13.07
C GLU B 28 9.90 -0.29 -13.02
N THR B 29 10.12 0.95 -12.55
CA THR B 29 11.50 1.43 -12.41
C THR B 29 12.17 0.65 -11.29
N ALA B 30 13.51 0.66 -11.28
CA ALA B 30 14.25 -0.02 -10.25
C ALA B 30 13.95 0.59 -8.88
N ALA B 31 13.86 1.93 -8.83
CA ALA B 31 13.56 2.61 -7.57
C ALA B 31 12.17 2.18 -7.04
N ALA B 32 11.22 2.04 -7.96
CA ALA B 32 9.87 1.69 -7.55
C ALA B 32 9.81 0.25 -7.06
N LYS B 33 10.50 -0.65 -7.76
CA LYS B 33 10.59 -2.04 -7.34
C LYS B 33 11.21 -2.09 -5.94
N PHE B 34 12.29 -1.35 -5.71
CA PHE B 34 12.88 -1.31 -4.37
C PHE B 34 11.83 -0.89 -3.33
N GLU B 35 11.02 0.12 -3.62
CA GLU B 35 10.05 0.59 -2.64
C GLU B 35 8.99 -0.48 -2.38
N ARG B 36 8.59 -1.19 -3.42
CA ARG B 36 7.55 -2.21 -3.30
C ARG B 36 8.09 -3.38 -2.48
N GLN B 37 9.31 -3.79 -2.79
CA GLN B 37 9.87 -4.97 -2.14
C GLN B 37 10.39 -4.66 -0.75
N HIS B 38 10.86 -3.43 -0.47
CA HIS B 38 11.69 -3.29 0.73
C HIS B 38 11.26 -2.17 1.67
N MET B 39 10.32 -1.30 1.28
CA MET B 39 9.95 -0.17 2.12
C MET B 39 8.60 -0.44 2.80
N ASP B 40 8.59 -0.32 4.12
CA ASP B 40 7.32 -0.28 4.84
C ASP B 40 7.41 0.77 5.96
N SER B 41 7.17 2.02 5.58
CA SER B 41 7.31 3.15 6.50
C SER B 41 6.10 3.28 7.44
N SER B 42 5.17 2.33 7.44
CA SER B 42 3.94 2.52 8.21
C SER B 42 4.20 2.31 9.69
N THR B 43 4.76 1.14 10.03
CA THR B 43 5.07 0.76 11.41
C THR B 43 3.83 0.92 12.28
N SER B 47 3.28 -5.50 15.77
CA SER B 47 3.82 -6.35 14.68
C SER B 47 3.49 -7.83 14.96
N SER B 48 2.47 -8.32 14.25
CA SER B 48 1.99 -9.69 14.28
C SER B 48 3.06 -10.66 13.76
N SER B 49 3.01 -11.92 14.22
CA SER B 49 3.86 -12.99 13.69
C SER B 49 3.40 -13.34 12.28
N ASN B 50 2.22 -12.84 11.89
CA ASN B 50 1.68 -13.02 10.56
C ASN B 50 2.04 -11.85 9.64
N TYR B 51 2.90 -10.94 10.09
CA TYR B 51 3.28 -9.76 9.32
C TYR B 51 3.86 -10.14 7.97
N CYS B 52 4.86 -11.01 7.97
CA CYS B 52 5.48 -11.42 6.71
C CYS B 52 4.48 -12.08 5.76
N ASN B 53 3.66 -13.02 6.26
CA ASN B 53 2.68 -13.67 5.39
C ASN B 53 1.81 -12.62 4.67
N GLN B 54 1.34 -11.62 5.42
CA GLN B 54 0.48 -10.59 4.88
C GLN B 54 1.26 -9.70 3.92
N MET B 55 2.49 -9.32 4.29
N MET B 55 2.37 -9.15 4.45
CA MET B 55 3.29 -8.41 3.46
CA MET B 55 3.15 -8.11 3.79
C MET B 55 3.76 -9.08 2.17
C MET B 55 3.73 -8.64 2.49
N MET B 56 4.31 -10.30 2.25
N MET B 56 4.13 -9.92 2.50
CA MET B 56 4.84 -10.91 1.05
CA MET B 56 4.66 -10.56 1.29
C MET B 56 3.73 -11.07 0.03
C MET B 56 3.60 -10.58 0.20
N LYS B 57 2.47 -11.23 0.50
CA LYS B 57 1.33 -11.27 -0.42
C LYS B 57 1.01 -9.87 -0.99
N SER B 58 0.89 -8.87 -0.11
CA SER B 58 0.41 -7.55 -0.50
C SER B 58 1.38 -6.84 -1.44
N ARG B 59 2.67 -7.22 -1.40
CA ARG B 59 3.69 -6.61 -2.23
C ARG B 59 4.02 -7.46 -3.46
N ASN B 60 3.17 -8.47 -3.74
CA ASN B 60 3.21 -9.28 -4.93
C ASN B 60 4.48 -10.13 -4.95
N LEU B 61 4.91 -10.62 -3.78
CA LEU B 61 6.13 -11.42 -3.67
C LEU B 61 5.83 -12.90 -3.55
N THR B 62 4.56 -13.28 -3.68
CA THR B 62 4.16 -14.68 -3.67
C THR B 62 3.36 -15.07 -4.92
N LYS B 63 3.50 -14.30 -6.02
CA LYS B 63 2.55 -14.43 -7.12
C LYS B 63 2.85 -15.68 -7.94
N ASP B 64 4.05 -15.80 -8.47
CA ASP B 64 4.39 -16.96 -9.29
C ASP B 64 5.10 -18.00 -8.43
N ARG B 65 5.76 -17.53 -7.38
CA ARG B 65 6.60 -18.35 -6.53
C ARG B 65 6.67 -17.65 -5.18
N CYS B 66 7.11 -18.38 -4.16
CA CYS B 66 7.33 -17.75 -2.88
C CYS B 66 8.74 -17.15 -2.91
N LYS B 67 8.87 -15.83 -2.89
CA LYS B 67 10.19 -15.24 -2.76
C LYS B 67 10.74 -15.70 -1.41
N PRO B 68 11.90 -16.40 -1.36
CA PRO B 68 12.31 -17.08 -0.12
C PRO B 68 12.70 -16.16 1.03
N VAL B 69 13.35 -15.05 0.70
CA VAL B 69 13.91 -14.15 1.70
C VAL B 69 13.66 -12.71 1.24
N ASN B 70 13.20 -11.88 2.17
CA ASN B 70 12.94 -10.48 1.87
C ASN B 70 12.98 -9.67 3.17
N THR B 71 13.64 -8.52 3.10
CA THR B 71 13.71 -7.58 4.21
C THR B 71 12.87 -6.32 3.93
N PHE B 72 12.08 -5.91 4.97
CA PHE B 72 11.36 -4.66 4.91
C PHE B 72 11.96 -3.65 5.88
N VAL B 73 12.01 -2.38 5.45
CA VAL B 73 12.65 -1.35 6.24
C VAL B 73 11.55 -0.43 6.78
N HIS B 74 11.57 -0.23 8.10
CA HIS B 74 10.61 0.63 8.79
C HIS B 74 11.25 1.97 9.15
N GLU B 75 11.63 2.70 8.11
CA GLU B 75 12.09 4.05 8.26
C GLU B 75 11.41 4.86 7.16
N SER B 76 11.51 6.18 7.25
CA SER B 76 10.96 7.03 6.21
C SER B 76 11.72 6.77 4.91
N LEU B 77 11.04 6.94 3.78
CA LEU B 77 11.71 6.90 2.49
C LEU B 77 12.88 7.87 2.47
N ALA B 78 12.70 9.06 3.06
CA ALA B 78 13.79 10.06 3.07
C ALA B 78 15.02 9.53 3.79
N ASP B 79 14.82 8.87 4.93
CA ASP B 79 15.93 8.26 5.67
C ASP B 79 16.67 7.19 4.87
N VAL B 80 15.92 6.37 4.13
CA VAL B 80 16.54 5.30 3.37
C VAL B 80 17.25 5.88 2.15
N GLN B 81 16.64 6.85 1.46
CA GLN B 81 17.30 7.51 0.34
C GLN B 81 18.60 8.17 0.77
N ALA B 82 18.64 8.66 2.01
CA ALA B 82 19.82 9.31 2.54
C ALA B 82 21.00 8.35 2.63
N VAL B 83 20.76 7.03 2.67
CA VAL B 83 21.84 6.08 2.77
C VAL B 83 22.78 6.20 1.56
N CYS B 84 22.24 6.69 0.42
CA CYS B 84 23.03 6.91 -0.79
C CYS B 84 24.13 7.96 -0.63
N SER B 85 24.11 8.71 0.49
N SER B 85 24.12 8.70 0.50
CA SER B 85 25.17 9.66 0.79
CA SER B 85 25.12 9.70 0.84
C SER B 85 25.91 9.28 2.07
C SER B 85 26.06 9.23 1.96
N GLN B 86 25.89 7.99 2.41
CA GLN B 86 26.56 7.48 3.60
C GLN B 86 27.77 6.63 3.19
N LYS B 87 27.96 5.47 3.83
CA LYS B 87 29.27 4.81 3.77
C LYS B 87 29.35 4.00 2.47
N ASN B 88 30.22 4.41 1.56
CA ASN B 88 30.40 3.70 0.31
C ASN B 88 31.09 2.36 0.58
N VAL B 89 30.52 1.28 0.03
CA VAL B 89 31.08 -0.06 0.17
C VAL B 89 30.90 -0.79 -1.17
N ALA B 90 31.63 -1.89 -1.36
CA ALA B 90 31.39 -2.75 -2.51
C ALA B 90 30.10 -3.53 -2.31
N CYS B 91 29.43 -3.85 -3.42
CA CYS B 91 28.24 -4.67 -3.43
C CYS B 91 28.65 -6.14 -3.52
N LYS B 92 27.72 -7.04 -3.24
N LYS B 92 27.74 -7.04 -3.16
CA LYS B 92 27.93 -8.47 -3.32
CA LYS B 92 27.93 -8.47 -3.36
C LYS B 92 28.20 -8.93 -4.76
C LYS B 92 28.43 -8.75 -4.77
N ASN B 93 27.73 -8.17 -5.75
CA ASN B 93 28.02 -8.46 -7.15
C ASN B 93 29.34 -7.86 -7.60
N GLY B 94 30.04 -7.10 -6.74
CA GLY B 94 31.36 -6.56 -7.05
C GLY B 94 31.36 -5.14 -7.64
N GLN B 95 30.20 -4.58 -7.97
CA GLN B 95 30.08 -3.15 -8.27
C GLN B 95 30.35 -2.34 -7.00
N THR B 96 30.62 -1.03 -7.14
CA THR B 96 31.00 -0.24 -5.98
C THR B 96 30.03 0.92 -5.76
N ASN B 97 28.78 0.75 -6.19
CA ASN B 97 27.75 1.73 -5.94
C ASN B 97 26.87 1.32 -4.76
N CYS B 98 27.46 0.65 -3.75
CA CYS B 98 26.68 0.28 -2.57
C CYS B 98 27.05 1.18 -1.43
N TYR B 99 26.09 1.32 -0.53
CA TYR B 99 26.18 2.21 0.62
C TYR B 99 25.59 1.52 1.85
N GLN B 100 26.34 1.63 2.94
N GLN B 100 26.35 1.61 2.93
CA GLN B 100 25.93 1.12 4.24
CA GLN B 100 25.90 1.16 4.22
C GLN B 100 25.46 2.28 5.12
C GLN B 100 25.41 2.34 5.05
N SER B 101 24.24 2.13 5.67
CA SER B 101 23.66 3.11 6.58
C SER B 101 24.57 3.29 7.79
N TYR B 102 24.79 4.54 8.13
CA TYR B 102 25.61 4.85 9.28
C TYR B 102 24.92 4.36 10.55
N SER B 103 23.61 4.55 10.61
CA SER B 103 22.79 4.19 11.75
C SER B 103 22.21 2.78 11.56
N THR B 104 21.83 2.12 12.66
CA THR B 104 20.92 0.99 12.53
C THR B 104 19.52 1.49 12.23
N MET B 105 18.74 0.63 11.56
CA MET B 105 17.36 0.88 11.22
C MET B 105 16.48 -0.27 11.68
N SER B 106 15.23 0.06 11.95
CA SER B 106 14.19 -0.92 12.22
C SER B 106 13.86 -1.68 10.92
N ILE B 107 14.09 -3.00 10.94
CA ILE B 107 13.81 -3.87 9.81
C ILE B 107 12.94 -5.05 10.26
N THR B 108 12.24 -5.68 9.30
CA THR B 108 11.68 -7.01 9.51
C THR B 108 12.29 -7.95 8.48
N ASP B 109 12.84 -9.07 8.95
CA ASP B 109 13.34 -10.12 8.09
C ASP B 109 12.24 -11.15 7.88
N CYS B 110 11.93 -11.44 6.61
CA CYS B 110 10.97 -12.46 6.24
C CYS B 110 11.74 -13.59 5.56
N ARG B 111 11.59 -14.78 6.12
CA ARG B 111 12.23 -15.95 5.57
C ARG B 111 11.22 -17.08 5.52
N GLU B 112 11.10 -17.68 4.34
CA GLU B 112 10.19 -18.79 4.15
C GLU B 112 10.53 -19.92 5.12
N THR B 113 9.48 -20.58 5.64
CA THR B 113 9.63 -21.72 6.52
C THR B 113 10.10 -22.89 5.67
N GLY B 114 10.57 -23.94 6.35
CA GLY B 114 11.04 -25.13 5.69
C GLY B 114 9.91 -25.91 5.01
N SER B 115 8.70 -25.72 5.52
CA SER B 115 7.58 -26.52 5.04
C SER B 115 6.70 -25.71 4.10
N SER B 116 7.09 -24.46 3.79
CA SER B 116 6.32 -23.58 2.91
C SER B 116 6.31 -24.11 1.49
N LYS B 117 5.14 -24.09 0.87
CA LYS B 117 4.99 -24.63 -0.46
C LYS B 117 3.97 -23.79 -1.19
N TYR B 118 4.40 -23.21 -2.32
CA TYR B 118 3.53 -22.37 -3.12
C TYR B 118 2.31 -23.19 -3.55
N PRO B 119 1.09 -22.62 -3.63
CA PRO B 119 0.84 -21.19 -3.42
C PRO B 119 0.52 -20.75 -2.00
N ASN B 120 0.67 -21.65 -1.03
CA ASN B 120 0.46 -21.28 0.36
C ASN B 120 1.81 -20.88 0.96
N CYS B 121 2.29 -19.69 0.60
CA CYS B 121 3.61 -19.25 1.04
C CYS B 121 3.56 -18.92 2.52
N ALA B 122 4.55 -19.43 3.27
CA ALA B 122 4.59 -19.25 4.70
C ALA B 122 5.98 -18.76 5.10
N TYR B 123 5.99 -17.76 5.99
CA TYR B 123 7.19 -17.03 6.39
C TYR B 123 7.25 -16.94 7.89
N LYS B 124 8.47 -16.99 8.40
CA LYS B 124 8.76 -16.58 9.75
C LYS B 124 9.16 -15.10 9.71
N THR B 125 8.49 -14.31 10.57
CA THR B 125 8.75 -12.89 10.74
C THR B 125 9.77 -12.70 11.85
N THR B 126 10.85 -11.95 11.59
CA THR B 126 11.78 -11.59 12.66
C THR B 126 12.07 -10.08 12.62
N GLN B 127 11.83 -9.42 13.75
CA GLN B 127 12.16 -8.02 13.90
C GLN B 127 13.63 -7.86 14.28
N ALA B 128 14.26 -6.83 13.72
CA ALA B 128 15.67 -6.60 14.02
C ALA B 128 15.98 -5.11 13.86
N ASN B 129 17.11 -4.71 14.45
N ASN B 129 17.19 -4.74 14.31
CA ASN B 129 17.66 -3.38 14.23
CA ASN B 129 17.66 -3.36 14.28
C ASN B 129 19.09 -3.57 13.73
C ASN B 129 19.10 -3.39 13.77
N LYS B 130 19.31 -3.18 12.47
CA LYS B 130 20.58 -3.44 11.83
C LYS B 130 20.87 -2.35 10.80
N HIS B 131 22.14 -2.25 10.44
CA HIS B 131 22.52 -1.36 9.36
C HIS B 131 22.01 -2.02 8.09
N ILE B 132 21.65 -1.24 7.07
CA ILE B 132 21.27 -1.79 5.77
C ILE B 132 22.30 -1.37 4.74
N ILE B 133 22.43 -2.18 3.69
CA ILE B 133 23.33 -1.93 2.58
C ILE B 133 22.46 -1.97 1.32
N VAL B 134 22.48 -0.88 0.56
CA VAL B 134 21.70 -0.77 -0.67
C VAL B 134 22.61 -0.31 -1.80
N ALA B 135 22.22 -0.68 -3.03
CA ALA B 135 22.83 -0.15 -4.23
C ALA B 135 22.05 1.09 -4.65
N CYS B 136 22.77 2.14 -5.04
CA CYS B 136 22.12 3.37 -5.49
C CYS B 136 22.46 3.67 -6.95
N GLU B 137 21.50 4.27 -7.65
N GLU B 137 21.47 4.20 -7.67
CA GLU B 137 21.70 4.54 -9.06
CA GLU B 137 21.66 4.53 -9.08
C GLU B 137 20.63 5.51 -9.56
C GLU B 137 20.66 5.59 -9.49
N GLY B 138 20.99 6.26 -10.60
CA GLY B 138 20.04 7.05 -11.35
C GLY B 138 20.01 8.48 -10.83
N ASN B 139 19.10 9.27 -11.42
CA ASN B 139 18.94 10.66 -11.03
C ASN B 139 17.45 10.90 -10.82
N PRO B 140 16.97 11.11 -9.57
CA PRO B 140 17.83 11.25 -8.39
C PRO B 140 18.53 9.96 -7.98
N TYR B 141 19.59 10.08 -7.17
CA TYR B 141 20.43 8.94 -6.85
C TYR B 141 19.88 8.23 -5.62
N VAL B 142 19.14 7.13 -5.87
CA VAL B 142 18.30 6.52 -4.88
C VAL B 142 18.57 5.02 -4.85
N PRO B 143 18.07 4.32 -3.82
CA PRO B 143 18.25 2.86 -3.73
C PRO B 143 17.51 2.12 -4.84
N VAL B 144 18.22 1.18 -5.45
CA VAL B 144 17.62 0.36 -6.49
C VAL B 144 17.76 -1.13 -6.18
N HIS B 145 18.39 -1.48 -5.06
CA HIS B 145 18.63 -2.88 -4.70
C HIS B 145 18.99 -2.94 -3.22
N PHE B 146 18.41 -3.91 -2.53
CA PHE B 146 18.75 -4.20 -1.16
C PHE B 146 19.85 -5.27 -1.15
N ASP B 147 21.04 -4.91 -0.69
CA ASP B 147 22.16 -5.83 -0.72
C ASP B 147 22.23 -6.72 0.52
N ALA B 148 22.03 -6.17 1.73
CA ALA B 148 22.21 -6.93 2.96
C ALA B 148 21.80 -6.07 4.15
N SER B 149 21.49 -6.74 5.27
CA SER B 149 21.54 -6.06 6.57
C SER B 149 22.76 -6.57 7.34
N VAL B 150 23.40 -5.67 8.08
CA VAL B 150 24.56 -6.05 8.86
C VAL B 150 24.47 -5.51 10.30
O11 Y4I C . -13.21 18.42 -6.59
O13 Y4I C . -13.17 20.03 -12.55
C20 Y4I C . -13.26 19.53 -11.43
N19 Y4I C . -14.48 19.03 -11.01
C18 Y4I C . -14.76 18.44 -9.80
O12 Y4I C . -15.88 18.02 -9.51
C21 Y4I C . -12.18 19.41 -10.47
C22 Y4I C . -12.41 18.83 -9.27
N17 Y4I C . -13.67 18.37 -8.93
C12 Y4I C . -13.88 17.70 -7.61
C13 Y4I C . -13.36 16.25 -7.76
N14 Y4I C . -13.08 15.60 -6.48
C15 Y4I C . -12.45 16.47 -5.50
C16 Y4I C . -13.34 17.69 -5.37
C23 Y4I C . -13.05 18.57 -4.20
O15 Y4I C . -13.53 17.88 -3.04
P Y4I C . -13.03 13.85 -6.84
SP Y4I C . -11.17 13.21 -6.81
OP1 Y4I C . -13.79 13.32 -8.06
O5' Y4I C . -13.76 13.34 -5.52
C5' Y4I C . -15.15 13.70 -5.20
C4' Y4I C . -15.70 12.65 -4.27
C3' Y4I C . -14.80 12.22 -3.09
O3' Y4I C . -15.61 12.07 -1.95
C2' Y4I C . -14.28 10.87 -3.50
C1' Y4I C . -15.40 10.30 -4.37
O4' Y4I C . -16.02 11.42 -5.02
N1 Y4I C . -14.92 9.38 -5.47
C6 Y4I C . -14.36 9.87 -6.61
C5 Y4I C . -13.95 9.08 -7.61
C5M Y4I C . -13.33 9.58 -8.92
C4 Y4I C . -14.03 7.65 -7.40
O4 Y4I C . -13.71 6.81 -8.23
N3 Y4I C . -14.62 7.22 -6.26
C2 Y4I C . -15.05 8.01 -5.24
O2 Y4I C . -15.49 7.52 -4.23
C1 TF4 D . -14.41 11.54 1.13
C TF4 D . -13.29 11.53 0.10
O TF4 D . -12.80 12.65 -0.19
CL1 TF4 D . -14.91 13.23 1.54
CL2 TF4 D . -13.95 10.56 2.57
O2 TF4 D . -13.02 10.41 -0.39
C1 TF4 E . 17.16 -10.32 0.37
C1 TF4 E . 17.58 -9.58 0.18
C TF4 E . 16.58 -9.38 1.41
C TF4 E . 16.72 -9.01 1.28
O TF4 E . 15.83 -8.47 1.00
O TF4 E . 15.60 -8.59 0.96
CL1 TF4 E . 18.95 -10.19 0.31
CL1 TF4 E . 17.11 -11.28 -0.21
CL2 TF4 E . 16.45 -10.00 -1.22
CL2 TF4 E . 19.27 -9.47 0.74
O2 TF4 E . 16.86 -9.65 2.61
O2 TF4 E . 17.25 -9.05 2.41
#